data_6ZUD
#
_entry.id   6ZUD
#
_cell.length_a   95.355
_cell.length_b   95.355
_cell.length_c   95.355
_cell.angle_alpha   90.000
_cell.angle_beta   90.000
_cell.angle_gamma   90.000
#
_symmetry.space_group_name_H-M   'P 21 3'
#
loop_
_entity.id
_entity.type
_entity.pdbx_description
1 polymer 'Copper-containing nitrite reductase'
2 non-polymer 'COPPER (II) ION'
3 non-polymer 'NITRITE ION'
4 non-polymer 'SULFATE ION'
5 non-polymer 'MALONATE ION'
6 water water
#
_entity_poly.entity_id   1
_entity_poly.type   'polypeptide(L)'
_entity_poly.pdbx_seq_one_letter_code
;VDISTLPRVKVDLVKPPFVHAHDQVAKTGPRVVEFTMTIEEKKLVIDREGTEIHAMTFNGSVPGPLMVVHENDYVELRLI
NPDTNTLLHNIDFHAATGALGGGALTQVNPGEETTLRFKATKPGVFVYHCAPEGMVPWHVTSGMNGAIMVLPRDGLKDEK
GQPLTYDKIYYVGEQDFYVPKDEAGNYKKYETPGEAYEDAVKAMRTLTPTHIVFNGAVGALTGDHALTAAVGERVLVVHS
QANRDTRPHLIGGHGDYVWATGKFRNPPDLDQETWLIPGGTAGAAFYTFRQPGVYAYVNHNLIEAFELGAAGHFKVTGEW
NDDLMTSVVKPASM
;
_entity_poly.pdbx_strand_id   A
#
loop_
_chem_comp.id
_chem_comp.type
_chem_comp.name
_chem_comp.formula
CU non-polymer 'COPPER (II) ION' 'Cu 2'
MLI non-polymer 'MALONATE ION' 'C3 H2 O4 -2'
NO2 non-polymer 'NITRITE ION' 'N O2 -1'
SO4 non-polymer 'SULFATE ION' 'O4 S -2'
#
# COMPACT_ATOMS: atom_id res chain seq x y z
N VAL A 1 -28.34 15.74 4.75
CA VAL A 1 -27.47 16.75 5.35
CA VAL A 1 -27.66 16.91 5.35
C VAL A 1 -26.91 17.74 4.33
N ASP A 2 -26.77 19.00 4.78
CA ASP A 2 -26.16 19.94 3.86
C ASP A 2 -24.68 19.78 4.15
N ILE A 3 -24.04 19.14 3.18
CA ILE A 3 -22.59 18.94 3.31
C ILE A 3 -21.85 20.27 3.42
N SER A 4 -22.40 21.32 2.84
CA SER A 4 -21.74 22.62 2.90
C SER A 4 -21.64 23.18 4.30
N THR A 5 -22.35 22.67 5.28
CA THR A 5 -22.28 23.12 6.65
C THR A 5 -21.18 22.44 7.45
N LEU A 6 -20.51 21.43 6.86
CA LEU A 6 -19.51 20.65 7.59
C LEU A 6 -18.15 21.31 7.47
N PRO A 7 -17.27 21.09 8.45
CA PRO A 7 -15.90 21.55 8.33
C PRO A 7 -15.22 20.88 7.12
N ARG A 8 -14.28 21.63 6.56
CA ARG A 8 -13.40 21.12 5.52
C ARG A 8 -11.97 21.17 6.06
N VAL A 9 -11.23 20.10 5.81
CA VAL A 9 -9.83 20.03 6.20
C VAL A 9 -9.05 19.48 5.00
N LYS A 10 -8.00 20.17 4.63
CA LYS A 10 -7.18 19.79 3.49
C LYS A 10 -6.03 18.95 4.03
N VAL A 11 -5.82 17.82 3.39
CA VAL A 11 -4.69 16.97 3.75
C VAL A 11 -3.60 17.16 2.76
N ASP A 12 -2.38 17.19 3.30
CA ASP A 12 -1.19 17.19 2.49
C ASP A 12 -0.49 15.81 2.61
N LEU A 13 -0.55 15.10 1.51
CA LEU A 13 -0.10 13.70 1.48
C LEU A 13 1.41 13.60 1.54
N VAL A 14 1.90 12.45 1.92
CA VAL A 14 3.32 12.16 2.00
CA VAL A 14 3.27 12.06 2.13
C VAL A 14 3.61 10.86 1.25
N LYS A 15 4.87 10.67 0.88
CA LYS A 15 5.34 9.52 0.10
CA LYS A 15 5.26 9.51 0.09
C LYS A 15 5.37 8.26 0.94
N PRO A 16 4.81 7.13 0.49
CA PRO A 16 4.97 5.89 1.24
C PRO A 16 6.46 5.58 1.43
N PRO A 17 6.79 4.86 2.52
CA PRO A 17 5.90 4.19 3.47
C PRO A 17 5.39 5.06 4.60
N PHE A 18 5.73 6.35 4.58
CA PHE A 18 5.23 7.27 5.58
C PHE A 18 3.79 7.60 5.33
N VAL A 19 3.13 8.16 6.34
CA VAL A 19 1.70 8.43 6.33
C VAL A 19 1.43 9.83 6.85
N HIS A 20 0.56 10.58 6.19
CA HIS A 20 0.22 11.92 6.65
C HIS A 20 -0.28 11.86 8.09
N ALA A 21 0.03 12.89 8.83
CA ALA A 21 -0.53 13.11 10.15
C ALA A 21 -2.06 13.08 10.21
N HIS A 22 -2.50 12.43 11.31
CA HIS A 22 -3.90 12.24 11.58
C HIS A 22 -4.07 11.93 13.07
N ASP A 23 -5.29 11.88 13.56
N ASP A 23 -5.31 11.86 13.46
CA ASP A 23 -5.58 11.54 14.96
CA ASP A 23 -5.71 11.49 14.82
C ASP A 23 -6.42 10.27 15.02
C ASP A 23 -6.35 10.11 14.81
N GLN A 24 -5.95 9.27 15.76
CA GLN A 24 -6.60 7.99 15.79
C GLN A 24 -8.03 8.10 16.28
N VAL A 25 -8.22 8.81 17.38
CA VAL A 25 -9.54 9.12 17.90
C VAL A 25 -9.95 10.48 17.33
N ALA A 26 -11.15 10.52 16.73
CA ALA A 26 -11.57 11.74 16.07
C ALA A 26 -11.78 12.90 17.08
N LYS A 27 -11.12 14.01 16.81
CA LYS A 27 -11.14 15.16 17.66
C LYS A 27 -12.17 16.20 17.24
N THR A 28 -12.88 15.94 16.14
CA THR A 28 -13.94 16.75 15.62
C THR A 28 -15.10 15.83 15.22
N GLY A 29 -16.20 16.50 14.85
CA GLY A 29 -17.29 15.77 14.25
C GLY A 29 -16.90 15.39 12.83
N PRO A 30 -17.85 14.78 12.10
N PRO A 30 -17.90 14.96 12.07
CA PRO A 30 -17.58 14.45 10.69
CA PRO A 30 -17.64 14.53 10.69
C PRO A 30 -17.13 15.67 9.90
C PRO A 30 -17.15 15.71 9.87
N ARG A 31 -16.23 15.44 8.95
CA ARG A 31 -15.65 16.46 8.12
C ARG A 31 -15.64 16.03 6.66
N VAL A 32 -15.55 17.03 5.78
CA VAL A 32 -15.11 16.78 4.41
C VAL A 32 -13.60 16.90 4.37
N VAL A 33 -12.94 15.81 4.05
CA VAL A 33 -11.50 15.73 4.03
C VAL A 33 -11.05 15.81 2.58
N GLU A 34 -10.32 16.85 2.27
CA GLU A 34 -9.93 17.21 0.92
C GLU A 34 -8.55 16.70 0.57
N PHE A 35 -8.47 15.92 -0.49
CA PHE A 35 -7.23 15.39 -1.01
C PHE A 35 -7.08 15.80 -2.47
N THR A 36 -5.84 15.94 -2.90
N THR A 36 -5.84 15.95 -2.93
CA THR A 36 -5.50 16.15 -4.30
CA THR A 36 -5.60 16.09 -4.35
C THR A 36 -4.43 15.13 -4.69
C THR A 36 -4.40 15.25 -4.76
N MET A 37 -4.60 14.51 -5.84
CA MET A 37 -3.53 13.71 -6.39
C MET A 37 -3.37 14.02 -7.88
N THR A 38 -2.10 14.01 -8.28
CA THR A 38 -1.74 14.28 -9.67
C THR A 38 -1.14 13.00 -10.22
N ILE A 39 -1.73 12.52 -11.28
CA ILE A 39 -1.24 11.31 -11.94
C ILE A 39 0.07 11.57 -12.66
N GLU A 40 1.02 10.65 -12.52
CA GLU A 40 2.28 10.79 -13.23
C GLU A 40 2.68 9.49 -13.87
N GLU A 41 2.71 9.43 -15.20
CA GLU A 41 3.34 8.38 -15.96
C GLU A 41 4.83 8.65 -15.98
N LYS A 42 5.66 7.67 -15.60
CA LYS A 42 7.09 7.92 -15.56
C LYS A 42 7.84 6.61 -15.69
N LYS A 43 9.09 6.70 -16.11
CA LYS A 43 9.99 5.55 -16.07
C LYS A 43 10.45 5.27 -14.65
N LEU A 44 10.49 3.99 -14.28
CA LEU A 44 10.98 3.58 -12.95
C LEU A 44 11.93 2.42 -13.15
N VAL A 45 13.07 2.44 -12.48
CA VAL A 45 13.97 1.29 -12.38
C VAL A 45 13.55 0.47 -11.18
N ILE A 46 13.26 -0.78 -11.41
CA ILE A 46 12.60 -1.59 -10.38
C ILE A 46 13.46 -2.69 -9.77
N ASP A 47 14.65 -2.96 -10.29
CA ASP A 47 15.47 -4.01 -9.72
C ASP A 47 16.95 -3.57 -9.75
N ARG A 48 17.80 -4.40 -9.23
CA ARG A 48 19.22 -4.14 -9.17
C ARG A 48 19.86 -4.26 -10.55
N GLU A 49 19.27 -5.01 -11.46
CA GLU A 49 19.80 -5.19 -12.79
C GLU A 49 19.62 -3.94 -13.63
N GLY A 50 18.74 -3.01 -13.21
CA GLY A 50 18.46 -1.84 -14.00
C GLY A 50 17.26 -1.89 -14.87
N THR A 51 16.43 -2.90 -14.70
CA THR A 51 15.20 -3.03 -15.52
C THR A 51 14.35 -1.79 -15.31
N GLU A 52 14.00 -1.14 -16.41
CA GLU A 52 13.23 0.10 -16.37
C GLU A 52 11.90 -0.13 -17.05
N ILE A 53 10.82 0.23 -16.36
CA ILE A 53 9.49 0.13 -16.91
C ILE A 53 8.85 1.51 -17.03
N HIS A 54 7.70 1.50 -17.71
CA HIS A 54 6.84 2.68 -17.81
C HIS A 54 5.73 2.49 -16.78
N ALA A 55 5.93 3.16 -15.66
CA ALA A 55 5.02 3.07 -14.53
C ALA A 55 3.92 4.09 -14.69
N MET A 56 2.79 3.79 -14.06
CA MET A 56 1.63 4.65 -14.00
C MET A 56 1.31 4.92 -12.54
N THR A 57 1.42 6.14 -12.10
CA THR A 57 1.36 6.43 -10.68
C THR A 57 0.33 7.47 -10.26
N PHE A 58 -0.15 7.35 -9.06
CA PHE A 58 -0.79 8.42 -8.34
C PHE A 58 0.27 9.16 -7.52
N ASN A 59 0.49 10.42 -7.79
CA ASN A 59 1.36 11.31 -7.02
C ASN A 59 2.82 10.97 -7.11
N GLY A 60 3.24 10.22 -8.09
CA GLY A 60 4.62 9.98 -8.45
C GLY A 60 5.26 8.78 -7.82
N SER A 61 4.51 8.00 -7.02
CA SER A 61 5.05 6.87 -6.25
C SER A 61 4.31 5.60 -6.56
N VAL A 62 4.98 4.46 -6.37
CA VAL A 62 4.36 3.15 -6.31
C VAL A 62 4.64 2.60 -4.91
N PRO A 63 3.63 2.34 -4.08
CA PRO A 63 2.22 2.60 -4.28
C PRO A 63 1.94 4.10 -4.18
N GLY A 64 0.69 4.45 -4.54
CA GLY A 64 0.16 5.76 -4.27
C GLY A 64 0.08 5.97 -2.75
N PRO A 65 -0.05 7.24 -2.32
N PRO A 65 -0.04 7.23 -2.32
CA PRO A 65 -0.03 7.51 -0.88
CA PRO A 65 -0.03 7.56 -0.89
C PRO A 65 -1.22 6.88 -0.17
C PRO A 65 -1.24 7.03 -0.15
N LEU A 66 -1.00 6.72 1.15
CA LEU A 66 -2.09 6.36 2.05
C LEU A 66 -2.90 7.59 2.46
N MET A 67 -4.19 7.54 2.25
CA MET A 67 -5.14 8.55 2.67
C MET A 67 -5.74 8.08 3.98
N VAL A 68 -5.96 8.95 4.95
CA VAL A 68 -6.54 8.58 6.24
C VAL A 68 -7.67 9.53 6.62
N VAL A 69 -8.84 8.95 6.87
CA VAL A 69 -10.02 9.63 7.34
C VAL A 69 -10.66 8.84 8.48
N HIS A 70 -11.78 9.33 9.02
CA HIS A 70 -12.57 8.58 9.95
C HIS A 70 -13.91 8.16 9.35
N GLU A 71 -14.48 7.12 9.93
CA GLU A 71 -15.81 6.66 9.52
C GLU A 71 -16.81 7.79 9.54
N ASN A 72 -17.55 7.87 8.42
CA ASN A 72 -18.56 8.88 8.14
C ASN A 72 -18.05 10.28 7.89
N ASP A 73 -16.77 10.45 7.73
CA ASP A 73 -16.25 11.58 7.00
C ASP A 73 -16.62 11.40 5.52
N TYR A 74 -16.50 12.49 4.78
CA TYR A 74 -16.59 12.51 3.35
C TYR A 74 -15.19 12.70 2.80
N VAL A 75 -14.83 11.91 1.81
CA VAL A 75 -13.57 12.04 1.09
C VAL A 75 -13.84 12.83 -0.18
N GLU A 76 -13.17 13.94 -0.36
CA GLU A 76 -13.30 14.74 -1.58
C GLU A 76 -11.97 14.79 -2.27
N LEU A 77 -11.85 14.08 -3.38
CA LEU A 77 -10.59 13.96 -4.12
C LEU A 77 -10.64 14.77 -5.40
N ARG A 78 -9.70 15.67 -5.54
CA ARG A 78 -9.36 16.29 -6.83
C ARG A 78 -8.29 15.44 -7.49
N LEU A 79 -8.61 14.88 -8.62
CA LEU A 79 -7.73 14.01 -9.39
C LEU A 79 -7.36 14.74 -10.68
N ILE A 80 -6.07 14.96 -10.86
CA ILE A 80 -5.50 15.72 -11.98
C ILE A 80 -4.72 14.82 -12.91
N ASN A 81 -5.03 14.87 -14.20
CA ASN A 81 -4.27 14.16 -15.22
C ASN A 81 -3.58 15.16 -16.14
N PRO A 82 -2.36 15.58 -15.87
CA PRO A 82 -1.76 16.63 -16.69
CA PRO A 82 -1.70 16.62 -16.66
C PRO A 82 -1.53 16.19 -18.12
N ASP A 83 -1.43 17.23 -18.97
CA ASP A 83 -1.25 17.01 -20.39
C ASP A 83 0.10 16.48 -20.79
N THR A 84 1.01 16.28 -19.83
CA THR A 84 2.27 15.59 -20.07
C THR A 84 2.09 14.08 -20.00
N ASN A 85 0.94 13.59 -19.53
CA ASN A 85 0.69 12.18 -19.62
C ASN A 85 0.07 11.82 -20.98
N THR A 86 -0.02 10.52 -21.26
CA THR A 86 -0.57 10.14 -22.54
CA THR A 86 -0.47 9.98 -22.52
C THR A 86 -1.81 9.27 -22.42
N LEU A 87 -2.11 8.72 -21.28
CA LEU A 87 -3.27 7.82 -21.17
C LEU A 87 -4.44 8.40 -20.39
N LEU A 88 -5.60 7.82 -20.59
CA LEU A 88 -6.80 8.01 -19.80
C LEU A 88 -6.66 7.23 -18.49
N HIS A 89 -7.11 7.84 -17.40
CA HIS A 89 -7.08 7.26 -16.07
C HIS A 89 -8.33 7.60 -15.30
N ASN A 90 -8.52 6.92 -14.18
CA ASN A 90 -9.67 7.19 -13.29
C ASN A 90 -9.30 6.66 -11.89
N ILE A 91 -10.28 6.56 -10.99
CA ILE A 91 -9.98 5.97 -9.68
C ILE A 91 -11.21 5.26 -9.13
N ASP A 92 -10.95 4.07 -8.58
CA ASP A 92 -11.90 3.23 -7.87
C ASP A 92 -11.44 3.12 -6.43
N PHE A 93 -12.27 3.54 -5.52
CA PHE A 93 -12.04 3.35 -4.10
C PHE A 93 -12.84 2.18 -3.56
N HIS A 94 -12.18 1.18 -3.03
CA HIS A 94 -12.90 0.06 -2.43
C HIS A 94 -13.67 0.49 -1.16
N ALA A 95 -13.33 1.67 -0.60
CA ALA A 95 -14.03 2.21 0.55
C ALA A 95 -15.38 2.80 0.21
N ALA A 96 -15.62 3.07 -1.09
CA ALA A 96 -16.76 3.84 -1.52
C ALA A 96 -17.88 2.96 -2.04
N THR A 97 -19.08 3.53 -2.08
CA THR A 97 -20.26 2.81 -2.57
C THR A 97 -20.85 3.53 -3.78
N GLY A 98 -20.94 2.77 -4.89
CA GLY A 98 -21.56 3.28 -6.11
C GLY A 98 -20.51 3.52 -7.21
N ALA A 99 -21.02 3.54 -8.44
CA ALA A 99 -20.30 3.95 -9.66
C ALA A 99 -18.94 3.27 -9.76
N LEU A 100 -18.89 1.97 -9.48
N LEU A 100 -18.95 1.95 -9.52
CA LEU A 100 -17.71 1.12 -9.61
CA LEU A 100 -17.71 1.18 -9.62
C LEU A 100 -16.64 1.47 -8.58
C LEU A 100 -16.62 1.84 -8.78
N GLY A 101 -17.04 2.23 -7.57
CA GLY A 101 -16.09 2.76 -6.60
C GLY A 101 -15.63 4.17 -6.91
N GLY A 102 -16.24 4.77 -7.91
CA GLY A 102 -15.85 6.09 -8.36
C GLY A 102 -15.35 6.08 -9.80
N GLY A 103 -15.01 4.93 -10.33
CA GLY A 103 -14.35 4.88 -11.63
C GLY A 103 -15.24 5.39 -12.73
N ALA A 104 -16.55 5.14 -12.64
CA ALA A 104 -17.46 5.58 -13.67
C ALA A 104 -17.64 7.10 -13.73
N LEU A 105 -17.20 7.80 -12.68
CA LEU A 105 -17.38 9.23 -12.56
C LEU A 105 -16.10 10.03 -12.69
N THR A 106 -14.92 9.38 -12.78
CA THR A 106 -13.63 10.04 -12.70
C THR A 106 -12.72 9.83 -13.90
N GLN A 107 -13.29 9.49 -15.06
CA GLN A 107 -12.45 9.30 -16.25
C GLN A 107 -11.89 10.63 -16.73
N VAL A 108 -10.56 10.74 -16.69
CA VAL A 108 -9.85 11.97 -17.05
C VAL A 108 -8.83 11.66 -18.14
N ASN A 109 -9.00 12.32 -19.30
CA ASN A 109 -7.98 12.34 -20.34
C ASN A 109 -6.85 13.28 -19.93
N PRO A 110 -5.70 13.11 -20.57
CA PRO A 110 -4.62 14.09 -20.32
C PRO A 110 -5.13 15.49 -20.56
N GLY A 111 -4.78 16.37 -19.62
CA GLY A 111 -5.29 17.73 -19.65
C GLY A 111 -6.58 17.97 -18.91
N GLU A 112 -7.13 16.99 -18.25
CA GLU A 112 -8.38 17.12 -17.53
C GLU A 112 -8.15 16.84 -16.05
N GLU A 113 -9.07 17.34 -15.25
CA GLU A 113 -9.20 17.03 -13.82
C GLU A 113 -10.69 16.77 -13.48
N THR A 114 -10.89 16.24 -12.28
CA THR A 114 -12.23 15.97 -11.78
C THR A 114 -12.19 15.99 -10.26
N THR A 115 -13.34 16.20 -9.65
CA THR A 115 -13.46 16.10 -8.21
C THR A 115 -14.61 15.15 -7.85
N LEU A 116 -14.30 14.12 -7.10
CA LEU A 116 -15.20 13.10 -6.61
C LEU A 116 -15.40 13.24 -5.11
N ARG A 117 -16.60 13.06 -4.61
CA ARG A 117 -16.83 13.01 -3.19
C ARG A 117 -17.57 11.71 -2.89
N PHE A 118 -17.18 11.04 -1.79
CA PHE A 118 -17.94 9.90 -1.28
C PHE A 118 -17.89 9.88 0.25
N LYS A 119 -18.90 9.25 0.81
CA LYS A 119 -18.99 9.08 2.25
C LYS A 119 -18.32 7.79 2.67
N ALA A 120 -17.41 7.85 3.61
CA ALA A 120 -16.62 6.69 4.04
C ALA A 120 -17.39 5.95 5.12
N THR A 121 -18.37 5.16 4.70
CA THR A 121 -19.33 4.58 5.65
C THR A 121 -18.83 3.35 6.37
N LYS A 122 -17.71 2.74 5.99
CA LYS A 122 -17.25 1.52 6.61
C LYS A 122 -15.80 1.65 7.07
N PRO A 123 -15.49 1.33 8.32
CA PRO A 123 -14.10 1.47 8.79
C PRO A 123 -13.25 0.28 8.35
N GLY A 124 -12.00 0.58 8.10
CA GLY A 124 -11.07 -0.39 7.64
C GLY A 124 -9.98 0.24 6.77
N VAL A 125 -9.03 -0.56 6.34
CA VAL A 125 -8.09 -0.18 5.29
C VAL A 125 -8.63 -0.78 3.99
N PHE A 126 -8.56 -0.04 2.93
CA PHE A 126 -9.10 -0.44 1.64
C PHE A 126 -8.12 -0.08 0.52
N VAL A 127 -8.14 -0.86 -0.56
CA VAL A 127 -7.38 -0.51 -1.77
C VAL A 127 -8.09 0.60 -2.53
N TYR A 128 -7.34 1.45 -3.20
CA TYR A 128 -7.85 2.22 -4.30
C TYR A 128 -6.98 1.91 -5.52
N HIS A 129 -7.54 2.03 -6.72
CA HIS A 129 -6.73 1.79 -7.90
C HIS A 129 -7.39 2.39 -9.12
N CYS A 130 -6.60 2.65 -10.15
CA CYS A 130 -7.13 3.05 -11.45
C CYS A 130 -7.84 1.86 -12.07
N ALA A 131 -8.83 2.13 -12.92
CA ALA A 131 -9.64 1.05 -13.51
C ALA A 131 -10.31 1.53 -14.78
N PRO A 132 -9.57 1.84 -15.84
CA PRO A 132 -10.21 2.32 -17.09
C PRO A 132 -10.82 1.15 -17.82
N GLU A 133 -12.09 1.28 -18.19
CA GLU A 133 -12.78 0.14 -18.82
C GLU A 133 -12.00 -0.47 -19.96
N GLY A 134 -11.81 -1.78 -19.87
CA GLY A 134 -11.05 -2.51 -20.84
C GLY A 134 -9.59 -2.65 -20.66
N MET A 135 -9.00 -1.87 -19.77
CA MET A 135 -7.55 -1.88 -19.58
CA MET A 135 -7.57 -1.84 -19.56
C MET A 135 -7.22 -1.92 -18.09
N VAL A 136 -8.10 -2.49 -17.27
CA VAL A 136 -7.96 -2.41 -15.84
C VAL A 136 -6.67 -3.10 -15.35
N PRO A 137 -6.42 -4.37 -15.61
CA PRO A 137 -5.23 -4.96 -15.00
C PRO A 137 -3.92 -4.32 -15.47
N TRP A 138 -3.87 -3.87 -16.70
CA TRP A 138 -2.65 -3.17 -17.15
C TRP A 138 -2.35 -1.97 -16.30
N HIS A 139 -3.35 -1.10 -16.00
CA HIS A 139 -3.05 0.09 -15.17
C HIS A 139 -2.69 -0.33 -13.75
N VAL A 140 -3.43 -1.27 -13.18
CA VAL A 140 -3.14 -1.67 -11.80
C VAL A 140 -1.75 -2.26 -11.66
N THR A 141 -1.39 -3.13 -12.58
CA THR A 141 -0.10 -3.81 -12.50
C THR A 141 1.04 -2.98 -13.08
N SER A 142 0.76 -1.76 -13.52
CA SER A 142 1.76 -0.75 -13.81
C SER A 142 2.02 0.15 -12.62
N GLY A 143 1.42 -0.11 -11.49
CA GLY A 143 1.67 0.62 -10.26
C GLY A 143 0.57 1.56 -9.80
N MET A 144 -0.57 1.55 -10.52
CA MET A 144 -1.57 2.58 -10.25
C MET A 144 -2.58 2.13 -9.20
N ASN A 145 -2.08 2.08 -7.96
CA ASN A 145 -2.90 1.64 -6.84
C ASN A 145 -2.25 2.13 -5.54
N GLY A 146 -3.07 2.27 -4.53
CA GLY A 146 -2.67 2.67 -3.17
C GLY A 146 -3.69 2.18 -2.19
N ALA A 147 -3.87 2.90 -1.10
CA ALA A 147 -4.84 2.49 -0.08
C ALA A 147 -5.36 3.71 0.68
N ILE A 148 -6.49 3.51 1.33
CA ILE A 148 -7.14 4.47 2.18
C ILE A 148 -7.52 3.79 3.47
N MET A 149 -7.24 4.45 4.59
CA MET A 149 -7.61 3.97 5.91
C MET A 149 -8.76 4.83 6.44
N VAL A 150 -9.85 4.16 6.81
CA VAL A 150 -11.04 4.75 7.41
C VAL A 150 -11.06 4.27 8.85
N LEU A 151 -10.58 5.10 9.78
CA LEU A 151 -10.51 4.73 11.18
C LEU A 151 -11.90 4.82 11.84
N PRO A 152 -12.17 3.92 12.74
CA PRO A 152 -13.37 4.13 13.62
C PRO A 152 -13.21 5.45 14.30
N ARG A 153 -14.30 6.14 14.60
CA ARG A 153 -14.17 7.43 15.29
C ARG A 153 -13.56 7.35 16.66
N ASP A 154 -13.68 6.20 17.32
CA ASP A 154 -13.01 6.06 18.61
C ASP A 154 -11.73 5.20 18.53
N GLY A 155 -11.08 5.16 17.37
CA GLY A 155 -9.84 4.49 17.17
C GLY A 155 -9.95 2.98 17.15
N LEU A 156 -8.83 2.29 17.21
CA LEU A 156 -8.81 0.86 17.10
C LEU A 156 -9.09 0.19 18.41
N LYS A 157 -9.64 -1.01 18.34
CA LYS A 157 -9.97 -1.84 19.49
CA LYS A 157 -9.90 -1.81 19.54
C LYS A 157 -9.46 -3.26 19.32
N ASP A 158 -9.08 -3.88 20.41
CA ASP A 158 -8.68 -5.31 20.42
C ASP A 158 -9.92 -6.19 20.45
N GLU A 159 -9.70 -7.50 20.60
CA GLU A 159 -10.75 -8.50 20.50
C GLU A 159 -11.69 -8.44 21.69
N LYS A 160 -11.31 -7.72 22.74
CA LYS A 160 -12.09 -7.52 23.95
C LYS A 160 -12.74 -6.16 24.04
N GLY A 161 -12.48 -5.31 23.07
CA GLY A 161 -13.13 -3.98 23.14
C GLY A 161 -12.27 -2.91 23.80
N GLN A 162 -11.05 -3.24 24.17
CA GLN A 162 -10.22 -2.22 24.78
CA GLN A 162 -10.09 -2.37 24.79
C GLN A 162 -9.35 -1.59 23.70
N PRO A 163 -8.91 -0.38 23.96
CA PRO A 163 -8.18 0.38 22.95
C PRO A 163 -6.83 -0.24 22.57
N LEU A 164 -6.55 -0.07 21.27
CA LEU A 164 -5.22 -0.32 20.75
C LEU A 164 -4.74 1.00 20.09
N THR A 165 -3.61 1.53 20.52
CA THR A 165 -3.12 2.79 20.03
C THR A 165 -1.74 2.57 19.47
N TYR A 166 -1.50 2.92 18.20
CA TYR A 166 -0.17 2.78 17.64
C TYR A 166 0.64 4.05 17.88
N ASP A 167 1.95 3.84 18.04
CA ASP A 167 2.92 4.94 18.13
C ASP A 167 3.43 5.35 16.77
N LYS A 168 3.56 4.40 15.84
CA LYS A 168 4.04 4.64 14.47
C LYS A 168 3.16 3.86 13.52
N ILE A 169 3.06 4.35 12.29
CA ILE A 169 2.36 3.64 11.24
C ILE A 169 3.21 3.70 9.99
N TYR A 170 3.23 2.60 9.26
CA TYR A 170 3.83 2.53 7.95
C TYR A 170 2.84 1.89 6.96
N TYR A 171 2.96 2.29 5.71
CA TYR A 171 2.19 1.74 4.59
C TYR A 171 3.18 1.05 3.62
N VAL A 172 3.00 -0.28 3.52
CA VAL A 172 3.71 -1.11 2.58
C VAL A 172 2.81 -1.51 1.46
N GLY A 173 3.04 -0.97 0.28
CA GLY A 173 2.34 -1.40 -0.91
C GLY A 173 3.17 -2.44 -1.61
N GLU A 174 2.57 -3.55 -1.95
CA GLU A 174 3.23 -4.63 -2.64
C GLU A 174 2.70 -4.67 -4.07
N GLN A 175 3.62 -4.66 -5.03
CA GLN A 175 3.30 -4.57 -6.43
C GLN A 175 3.86 -5.78 -7.20
N ASP A 176 3.00 -6.51 -7.87
CA ASP A 176 3.34 -7.51 -8.87
C ASP A 176 3.45 -6.82 -10.21
N PHE A 177 4.62 -6.97 -10.83
CA PHE A 177 4.87 -6.48 -12.19
C PHE A 177 5.03 -7.71 -13.13
N TYR A 178 4.68 -7.50 -14.40
CA TYR A 178 4.65 -8.53 -15.44
C TYR A 178 5.38 -7.96 -16.64
N VAL A 179 6.66 -7.75 -16.59
CA VAL A 179 7.55 -7.32 -17.61
C VAL A 179 7.64 -8.37 -18.71
N PRO A 180 7.20 -8.06 -19.92
CA PRO A 180 7.23 -9.08 -20.98
C PRO A 180 8.63 -9.57 -21.24
N LYS A 181 8.70 -10.87 -21.50
CA LYS A 181 9.92 -11.53 -21.85
C LYS A 181 9.85 -12.16 -23.23
N ASP A 182 11.04 -12.17 -23.83
CA ASP A 182 11.20 -12.89 -25.09
C ASP A 182 11.39 -14.38 -24.81
N GLU A 183 11.55 -15.17 -25.87
CA GLU A 183 11.56 -16.61 -25.69
C GLU A 183 12.75 -17.07 -24.88
N ALA A 184 13.85 -16.32 -25.04
CA ALA A 184 15.05 -16.65 -24.27
C ALA A 184 14.96 -16.23 -22.82
N GLY A 185 13.99 -15.43 -22.46
CA GLY A 185 13.75 -15.00 -21.11
C GLY A 185 14.20 -13.61 -20.75
N ASN A 186 14.66 -12.84 -21.72
CA ASN A 186 15.07 -11.47 -21.42
C ASN A 186 13.87 -10.53 -21.56
N TYR A 187 13.88 -9.49 -20.73
CA TYR A 187 12.83 -8.50 -20.81
C TYR A 187 12.88 -7.74 -22.11
N LYS A 188 11.67 -7.56 -22.63
N LYS A 188 11.73 -7.55 -22.74
CA LYS A 188 11.49 -6.76 -23.84
CA LYS A 188 11.72 -6.95 -24.08
C LYS A 188 11.12 -5.33 -23.46
C LYS A 188 12.09 -5.47 -24.08
N LYS A 189 11.43 -4.45 -24.41
N LYS A 189 12.74 -5.04 -25.15
CA LYS A 189 11.26 -3.03 -24.25
CA LYS A 189 12.99 -3.61 -25.39
C LYS A 189 10.44 -2.50 -25.42
C LYS A 189 12.21 -3.14 -26.62
N TYR A 190 9.63 -1.47 -25.21
N TYR A 190 11.37 -2.11 -26.48
CA TYR A 190 8.60 -0.99 -26.14
CA TYR A 190 10.49 -1.54 -27.49
C TYR A 190 8.64 0.51 -26.42
C TYR A 190 10.45 0.01 -27.51
N GLU A 191 8.16 0.99 -27.57
N GLU A 191 9.21 0.54 -27.51
CA GLU A 191 8.45 2.41 -27.84
CA GLU A 191 8.98 1.98 -27.46
C GLU A 191 7.30 3.34 -27.48
C GLU A 191 7.63 2.56 -27.09
N THR A 192 6.10 2.78 -27.38
N THR A 192 6.44 1.99 -26.84
CA THR A 192 4.89 3.48 -27.00
CA THR A 192 5.30 2.92 -26.60
C THR A 192 4.05 2.53 -26.13
C THR A 192 4.02 2.35 -26.03
N PRO A 193 3.14 3.10 -25.35
CA PRO A 193 2.17 2.25 -24.59
C PRO A 193 1.35 1.37 -25.50
N GLY A 194 0.93 1.86 -26.66
CA GLY A 194 0.06 1.08 -27.56
C GLY A 194 0.85 -0.10 -28.13
N GLU A 195 2.12 0.09 -28.50
CA GLU A 195 2.98 -0.99 -28.98
C GLU A 195 3.30 -2.02 -27.87
N ALA A 196 3.21 -1.61 -26.60
CA ALA A 196 3.46 -2.47 -25.48
C ALA A 196 2.23 -3.27 -25.10
N TYR A 197 1.04 -2.82 -25.47
CA TYR A 197 -0.16 -3.33 -24.82
C TYR A 197 -0.34 -4.83 -25.04
N GLU A 198 -0.22 -5.35 -26.27
CA GLU A 198 -0.47 -6.79 -26.46
C GLU A 198 0.53 -7.68 -25.70
N ASP A 199 1.82 -7.29 -25.75
CA ASP A 199 2.74 -8.14 -24.99
CA ASP A 199 2.88 -7.93 -24.99
C ASP A 199 2.56 -7.94 -23.49
N ALA A 200 2.03 -6.79 -23.03
CA ALA A 200 1.72 -6.65 -21.62
C ALA A 200 0.60 -7.61 -21.23
N VAL A 201 -0.43 -7.72 -22.08
CA VAL A 201 -1.53 -8.65 -21.88
C VAL A 201 -1.01 -10.09 -21.87
N LYS A 202 -0.17 -10.42 -22.85
CA LYS A 202 0.43 -11.76 -22.87
C LYS A 202 1.18 -12.10 -21.58
N ALA A 203 1.99 -11.14 -21.13
CA ALA A 203 2.76 -11.32 -19.94
C ALA A 203 1.87 -11.48 -18.72
N MET A 204 0.83 -10.64 -18.58
CA MET A 204 -0.11 -10.80 -17.48
C MET A 204 -0.77 -12.17 -17.50
N ARG A 205 -1.13 -12.69 -18.66
CA ARG A 205 -1.90 -13.94 -18.74
C ARG A 205 -1.08 -15.15 -18.32
N THR A 206 0.22 -15.01 -18.19
CA THR A 206 1.00 -16.11 -17.63
C THR A 206 0.72 -16.29 -16.14
N LEU A 207 0.16 -15.30 -15.47
CA LEU A 207 -0.11 -15.28 -14.02
C LEU A 207 1.12 -15.42 -13.17
N THR A 208 2.28 -15.10 -13.65
CA THR A 208 3.61 -15.29 -13.11
C THR A 208 4.32 -13.94 -13.14
N PRO A 209 4.32 -13.25 -12.01
CA PRO A 209 5.01 -11.97 -11.98
C PRO A 209 6.51 -12.15 -12.23
N THR A 210 7.11 -11.16 -12.85
CA THR A 210 8.55 -11.13 -13.00
C THR A 210 9.23 -10.46 -11.80
N HIS A 211 8.50 -9.63 -11.11
CA HIS A 211 8.96 -8.85 -9.97
C HIS A 211 7.82 -8.68 -8.98
N ILE A 212 8.11 -8.73 -7.70
CA ILE A 212 7.10 -8.50 -6.67
C ILE A 212 7.80 -7.63 -5.64
N VAL A 213 7.42 -6.37 -5.51
CA VAL A 213 8.25 -5.43 -4.79
C VAL A 213 7.46 -4.64 -3.79
N PHE A 214 8.15 -4.14 -2.77
CA PHE A 214 7.59 -3.21 -1.80
C PHE A 214 8.09 -1.80 -2.12
N ASN A 215 7.14 -0.86 -2.04
CA ASN A 215 7.44 0.55 -2.28
C ASN A 215 8.16 0.78 -3.61
N GLY A 216 7.82 0.01 -4.63
CA GLY A 216 8.16 0.27 -5.98
C GLY A 216 9.42 -0.27 -6.54
N ALA A 217 10.24 -0.95 -5.76
CA ALA A 217 11.52 -1.47 -6.31
C ALA A 217 12.11 -2.48 -5.37
N VAL A 218 12.92 -3.39 -5.91
CA VAL A 218 13.72 -4.28 -5.08
C VAL A 218 14.54 -3.44 -4.13
N GLY A 219 14.51 -3.77 -2.85
CA GLY A 219 15.36 -3.10 -1.90
C GLY A 219 14.89 -1.74 -1.46
N ALA A 220 13.69 -1.32 -1.88
CA ALA A 220 13.30 0.04 -1.54
C ALA A 220 13.20 0.30 -0.06
N LEU A 221 12.82 -0.68 0.71
CA LEU A 221 12.65 -0.53 2.15
C LEU A 221 13.81 -1.20 2.91
N THR A 222 15.04 -0.92 2.44
CA THR A 222 16.27 -1.37 3.04
C THR A 222 17.26 -0.23 3.04
N GLY A 223 18.35 -0.46 3.76
CA GLY A 223 19.46 0.47 3.87
C GLY A 223 19.03 1.75 4.53
N ASP A 224 19.34 2.88 3.95
CA ASP A 224 18.95 4.17 4.48
C ASP A 224 17.45 4.31 4.46
N HIS A 225 16.70 3.49 3.75
CA HIS A 225 15.22 3.54 3.73
C HIS A 225 14.59 2.37 4.47
N ALA A 226 15.33 1.68 5.33
CA ALA A 226 14.70 0.71 6.24
C ALA A 226 13.67 1.40 7.11
N LEU A 227 12.65 0.65 7.47
CA LEU A 227 11.67 1.07 8.48
C LEU A 227 12.37 1.05 9.82
N THR A 228 11.93 1.87 10.74
CA THR A 228 12.56 1.99 12.03
C THR A 228 11.54 1.92 13.17
N ALA A 229 12.02 1.41 14.31
CA ALA A 229 11.26 1.41 15.54
C ALA A 229 12.19 1.29 16.72
N ALA A 230 11.62 1.47 17.90
CA ALA A 230 12.34 1.25 19.16
C ALA A 230 11.64 0.10 19.93
N VAL A 231 12.43 -0.61 20.75
CA VAL A 231 11.83 -1.58 21.63
C VAL A 231 10.77 -0.86 22.46
N GLY A 232 9.60 -1.50 22.55
CA GLY A 232 8.48 -1.02 23.28
C GLY A 232 7.48 -0.22 22.51
N GLU A 233 7.86 0.13 21.27
CA GLU A 233 6.95 0.91 20.43
CA GLU A 233 6.96 0.89 20.43
C GLU A 233 5.90 0.01 19.78
N ARG A 234 4.70 0.58 19.68
CA ARG A 234 3.55 -0.04 19.04
C ARG A 234 3.48 0.43 17.61
N VAL A 235 3.56 -0.49 16.64
CA VAL A 235 3.63 -0.13 15.24
C VAL A 235 2.50 -0.81 14.48
N LEU A 236 1.80 0.00 13.67
CA LEU A 236 0.82 -0.53 12.74
C LEU A 236 1.42 -0.56 11.37
N VAL A 237 1.37 -1.70 10.68
CA VAL A 237 1.81 -1.81 9.32
C VAL A 237 0.60 -2.13 8.48
N VAL A 238 0.26 -1.15 7.62
CA VAL A 238 -0.81 -1.34 6.62
C VAL A 238 -0.14 -1.93 5.38
N HIS A 239 -0.75 -2.98 4.81
CA HIS A 239 -0.15 -3.66 3.65
C HIS A 239 -1.25 -3.83 2.62
N SER A 240 -1.00 -3.47 1.37
CA SER A 240 -2.01 -3.67 0.35
C SER A 240 -1.42 -4.44 -0.84
N GLN A 241 -2.33 -5.11 -1.54
CA GLN A 241 -2.01 -5.84 -2.77
C GLN A 241 -3.25 -5.75 -3.64
N ALA A 242 -3.24 -4.92 -4.67
CA ALA A 242 -4.41 -4.64 -5.46
C ALA A 242 -4.80 -5.73 -6.43
N ASN A 243 -3.93 -6.70 -6.70
CA ASN A 243 -4.15 -7.66 -7.74
C ASN A 243 -3.84 -9.13 -7.40
N ARG A 244 -3.04 -9.43 -6.35
CA ARG A 244 -2.57 -10.77 -6.15
C ARG A 244 -2.39 -11.04 -4.67
N ASP A 245 -2.64 -12.26 -4.22
CA ASP A 245 -2.50 -12.61 -2.82
C ASP A 245 -1.06 -12.41 -2.34
N THR A 246 -0.97 -12.06 -1.09
CA THR A 246 0.30 -12.01 -0.38
C THR A 246 0.11 -12.56 1.03
N ARG A 247 1.24 -12.82 1.68
CA ARG A 247 1.24 -13.44 3.00
C ARG A 247 2.32 -12.82 3.84
N PRO A 248 2.09 -11.65 4.43
CA PRO A 248 3.14 -10.95 5.17
C PRO A 248 3.56 -11.68 6.44
N HIS A 249 4.81 -11.41 6.80
CA HIS A 249 5.47 -12.01 7.94
CA HIS A 249 5.38 -11.95 8.03
C HIS A 249 6.57 -11.08 8.40
N LEU A 250 6.64 -10.82 9.69
CA LEU A 250 7.75 -10.06 10.29
C LEU A 250 8.73 -11.08 10.87
N ILE A 251 9.90 -11.22 10.25
CA ILE A 251 10.89 -12.24 10.60
C ILE A 251 11.55 -11.80 11.91
N GLY A 252 11.32 -12.59 12.95
CA GLY A 252 11.73 -12.29 14.30
C GLY A 252 10.65 -11.72 15.16
N GLY A 253 9.49 -11.43 14.58
CA GLY A 253 8.35 -10.93 15.33
C GLY A 253 7.08 -11.66 14.96
N HIS A 254 5.94 -10.97 15.14
CA HIS A 254 4.61 -11.49 14.97
C HIS A 254 3.72 -10.35 14.54
N GLY A 255 2.49 -10.69 14.15
CA GLY A 255 1.38 -9.71 14.20
C GLY A 255 0.60 -9.97 15.49
N ASP A 256 0.77 -9.09 16.46
CA ASP A 256 0.09 -9.30 17.72
C ASP A 256 -1.41 -9.23 17.55
N TYR A 257 -1.88 -8.28 16.73
CA TYR A 257 -3.27 -8.11 16.38
C TYR A 257 -3.30 -7.89 14.88
N VAL A 258 -4.01 -8.69 14.14
CA VAL A 258 -4.04 -8.56 12.68
C VAL A 258 -5.49 -8.57 12.18
N TRP A 259 -5.77 -7.60 11.32
CA TRP A 259 -6.99 -7.60 10.48
C TRP A 259 -6.54 -7.97 9.11
N ALA A 260 -6.49 -9.26 8.82
CA ALA A 260 -5.83 -9.75 7.61
C ALA A 260 -6.56 -9.24 6.38
N THR A 261 -7.88 -9.13 6.47
CA THR A 261 -8.66 -8.59 5.37
C THR A 261 -9.15 -7.17 5.67
N GLY A 262 -8.56 -6.54 6.66
CA GLY A 262 -8.51 -5.10 6.85
C GLY A 262 -9.67 -4.34 7.42
N LYS A 263 -10.68 -5.00 8.02
CA LYS A 263 -11.91 -4.32 8.35
C LYS A 263 -12.15 -4.30 9.85
N PHE A 264 -12.11 -3.07 10.42
CA PHE A 264 -11.96 -2.90 11.85
C PHE A 264 -13.21 -3.20 12.66
N ARG A 265 -14.40 -3.37 12.08
CA ARG A 265 -15.53 -3.81 12.92
C ARG A 265 -15.34 -5.26 13.35
N ASN A 266 -14.41 -6.00 12.73
CA ASN A 266 -14.14 -7.37 13.14
C ASN A 266 -13.07 -7.44 14.21
N PRO A 267 -13.14 -8.40 15.11
CA PRO A 267 -12.05 -8.54 16.05
C PRO A 267 -10.80 -8.98 15.28
N PRO A 268 -9.65 -8.53 15.73
CA PRO A 268 -8.38 -8.95 15.09
C PRO A 268 -8.05 -10.39 15.43
N ASP A 269 -7.30 -11.02 14.53
CA ASP A 269 -6.64 -12.29 14.84
C ASP A 269 -5.38 -12.00 15.65
N LEU A 270 -5.19 -12.82 16.69
CA LEU A 270 -4.09 -12.65 17.64
CA LEU A 270 -4.08 -12.63 17.61
C LEU A 270 -2.89 -13.52 17.27
N ASP A 271 -1.71 -13.00 17.55
CA ASP A 271 -0.47 -13.77 17.58
C ASP A 271 -0.10 -14.45 16.28
N GLN A 272 -0.45 -13.78 15.15
CA GLN A 272 -0.19 -14.40 13.88
C GLN A 272 1.32 -14.45 13.58
N GLU A 273 1.72 -15.56 12.96
CA GLU A 273 3.07 -15.63 12.39
C GLU A 273 3.07 -15.02 10.99
N THR A 274 2.08 -15.39 10.20
CA THR A 274 1.87 -15.02 8.83
C THR A 274 0.37 -14.92 8.63
N TRP A 275 -0.05 -14.03 7.72
CA TRP A 275 -1.49 -14.05 7.41
CA TRP A 275 -1.46 -13.73 7.46
C TRP A 275 -1.68 -13.71 5.94
N LEU A 276 -2.87 -14.03 5.45
CA LEU A 276 -3.13 -13.93 4.02
C LEU A 276 -3.92 -12.66 3.72
N ILE A 277 -3.34 -11.77 2.92
CA ILE A 277 -4.06 -10.64 2.37
C ILE A 277 -4.44 -11.00 0.95
N PRO A 278 -5.73 -11.19 0.64
CA PRO A 278 -6.10 -11.56 -0.72
C PRO A 278 -5.85 -10.42 -1.68
N GLY A 279 -5.52 -10.79 -2.93
CA GLY A 279 -5.44 -9.78 -3.98
C GLY A 279 -6.73 -8.95 -4.02
N GLY A 280 -6.55 -7.62 -4.14
CA GLY A 280 -7.67 -6.70 -4.06
C GLY A 280 -8.01 -6.24 -2.69
N THR A 281 -7.12 -6.36 -1.74
CA THR A 281 -7.40 -6.08 -0.33
C THR A 281 -6.24 -5.35 0.31
N ALA A 282 -6.58 -4.56 1.34
CA ALA A 282 -5.58 -4.07 2.28
C ALA A 282 -5.83 -4.73 3.65
N GLY A 283 -4.76 -5.04 4.31
CA GLY A 283 -4.76 -5.57 5.67
C GLY A 283 -3.94 -4.69 6.61
N ALA A 284 -4.00 -4.96 7.90
CA ALA A 284 -3.27 -4.16 8.87
C ALA A 284 -2.84 -5.05 10.04
N ALA A 285 -1.58 -4.90 10.47
CA ALA A 285 -1.04 -5.69 11.58
C ALA A 285 -0.41 -4.74 12.57
N PHE A 286 -0.68 -5.01 13.85
CA PHE A 286 -0.23 -4.23 14.99
C PHE A 286 0.78 -5.08 15.77
N TYR A 287 1.96 -4.53 16.07
CA TYR A 287 2.98 -5.27 16.80
C TYR A 287 3.67 -4.35 17.79
N THR A 288 3.98 -4.86 18.96
CA THR A 288 4.82 -4.14 19.90
C THR A 288 6.21 -4.77 19.93
N PHE A 289 7.23 -4.02 19.51
CA PHE A 289 8.57 -4.58 19.44
C PHE A 289 9.08 -4.92 20.82
N ARG A 290 9.75 -6.06 20.94
CA ARG A 290 10.30 -6.54 22.19
C ARG A 290 11.81 -6.76 22.13
N GLN A 291 12.43 -6.73 20.96
CA GLN A 291 13.86 -6.94 20.79
C GLN A 291 14.39 -5.98 19.75
N PRO A 292 15.62 -5.54 19.94
CA PRO A 292 16.25 -4.68 18.97
C PRO A 292 16.88 -5.51 17.85
N GLY A 293 17.37 -4.84 16.84
CA GLY A 293 18.11 -5.44 15.76
C GLY A 293 17.40 -5.30 14.44
N VAL A 294 17.94 -6.04 13.46
CA VAL A 294 17.37 -6.08 12.13
C VAL A 294 16.27 -7.13 12.07
N TYR A 295 15.16 -6.74 11.51
CA TYR A 295 14.06 -7.63 11.15
C TYR A 295 13.88 -7.54 9.64
N ALA A 296 13.47 -8.64 9.04
CA ALA A 296 13.01 -8.60 7.68
C ALA A 296 11.50 -8.69 7.70
N TYR A 297 10.83 -7.93 6.85
CA TYR A 297 9.38 -7.94 6.65
C TYR A 297 9.18 -8.45 5.22
N VAL A 298 8.48 -9.58 5.09
CA VAL A 298 8.45 -10.27 3.82
C VAL A 298 7.06 -10.79 3.48
N ASN A 299 6.87 -11.01 2.19
CA ASN A 299 5.88 -11.98 1.71
C ASN A 299 6.47 -13.37 1.95
N HIS A 300 5.82 -14.22 2.72
CA HIS A 300 6.42 -15.51 3.08
C HIS A 300 6.18 -16.63 2.08
N ASN A 301 5.93 -16.30 0.81
CA ASN A 301 6.47 -17.13 -0.26
C ASN A 301 7.92 -16.63 -0.41
N LEU A 302 8.84 -17.39 0.15
CA LEU A 302 10.24 -16.88 0.26
C LEU A 302 10.90 -16.72 -1.09
N ILE A 303 10.39 -17.37 -2.13
CA ILE A 303 10.86 -17.12 -3.47
C ILE A 303 10.47 -15.71 -3.90
N GLU A 304 9.18 -15.42 -3.67
CA GLU A 304 8.65 -14.07 -3.96
C GLU A 304 9.41 -13.02 -3.17
N ALA A 305 9.74 -13.31 -1.92
CA ALA A 305 10.50 -12.35 -1.10
C ALA A 305 11.92 -12.16 -1.56
N PHE A 306 12.68 -13.24 -1.60
CA PHE A 306 14.15 -13.07 -1.72
C PHE A 306 14.65 -13.16 -3.15
N GLU A 307 13.88 -13.80 -4.04
N GLU A 307 13.87 -13.80 -4.02
CA GLU A 307 14.29 -13.83 -5.43
CA GLU A 307 14.26 -13.78 -5.42
C GLU A 307 13.50 -12.84 -6.29
C GLU A 307 13.58 -12.65 -6.15
N LEU A 308 12.27 -12.47 -5.96
CA LEU A 308 11.51 -11.56 -6.80
C LEU A 308 11.35 -10.15 -6.24
N GLY A 309 11.65 -9.91 -4.98
CA GLY A 309 11.75 -8.60 -4.41
C GLY A 309 10.91 -8.23 -3.22
N ALA A 310 10.08 -9.12 -2.70
CA ALA A 310 9.06 -8.76 -1.73
C ALA A 310 9.60 -8.90 -0.30
N ALA A 311 10.59 -8.01 -0.01
CA ALA A 311 11.26 -8.01 1.27
C ALA A 311 11.77 -6.63 1.60
N GLY A 312 11.52 -6.20 2.83
CA GLY A 312 12.07 -5.00 3.40
C GLY A 312 12.63 -5.27 4.79
N HIS A 313 13.16 -4.21 5.43
CA HIS A 313 13.80 -4.37 6.74
C HIS A 313 13.21 -3.38 7.71
N PHE A 314 13.23 -3.74 8.97
CA PHE A 314 13.14 -2.85 10.10
C PHE A 314 14.53 -2.84 10.78
N LYS A 315 14.93 -1.69 11.23
CA LYS A 315 16.06 -1.50 12.14
CA LYS A 315 16.06 -1.53 12.15
C LYS A 315 15.45 -1.03 13.45
N VAL A 316 15.61 -1.78 14.50
CA VAL A 316 14.99 -1.50 15.81
C VAL A 316 16.07 -1.25 16.86
N THR A 317 15.93 -0.12 17.52
N THR A 317 15.91 -0.17 17.61
CA THR A 317 16.86 0.31 18.57
CA THR A 317 16.84 0.29 18.62
C THR A 317 16.41 -0.17 19.93
C THR A 317 16.37 0.06 20.05
N GLY A 318 17.30 -0.40 20.86
CA GLY A 318 17.01 -0.63 22.25
C GLY A 318 17.77 -1.77 22.84
N GLU A 319 17.35 -2.18 24.03
CA GLU A 319 17.97 -3.17 24.85
CA GLU A 319 18.11 -3.18 24.77
C GLU A 319 17.65 -4.58 24.39
N TRP A 320 18.59 -5.49 24.44
CA TRP A 320 18.37 -6.92 24.17
C TRP A 320 17.89 -7.61 25.43
N ASN A 321 16.85 -8.46 25.26
CA ASN A 321 16.25 -9.22 26.34
C ASN A 321 16.71 -10.69 26.27
N ASP A 322 17.64 -11.06 27.13
CA ASP A 322 18.15 -12.45 27.07
C ASP A 322 17.20 -13.48 27.66
N ASP A 323 16.20 -13.05 28.42
CA ASP A 323 15.18 -13.97 28.85
C ASP A 323 14.36 -14.46 27.67
N LEU A 324 14.02 -13.54 26.76
CA LEU A 324 13.22 -13.90 25.61
CA LEU A 324 13.22 -13.87 25.59
C LEU A 324 13.99 -14.71 24.58
N MET A 325 15.27 -14.40 24.38
CA MET A 325 16.09 -15.20 23.47
C MET A 325 17.58 -14.99 23.81
N THR A 326 18.33 -16.08 23.78
CA THR A 326 19.78 -15.92 23.94
C THR A 326 20.48 -17.08 23.26
N SER A 327 21.73 -16.80 22.85
CA SER A 327 22.64 -17.85 22.44
C SER A 327 23.29 -18.45 23.67
N VAL A 328 22.94 -19.69 24.02
CA VAL A 328 23.52 -20.38 25.18
C VAL A 328 24.94 -20.80 24.90
N VAL A 329 25.17 -21.37 23.72
CA VAL A 329 26.48 -21.75 23.25
C VAL A 329 26.59 -21.24 21.82
N LYS A 330 27.46 -20.27 21.57
CA LYS A 330 27.63 -19.73 20.22
C LYS A 330 28.21 -20.81 19.32
N PRO A 331 27.94 -20.71 18.02
CA PRO A 331 28.47 -21.68 17.08
C PRO A 331 29.97 -21.92 17.24
N ALA A 332 30.34 -23.21 17.30
CA ALA A 332 31.69 -23.61 17.59
C ALA A 332 31.88 -25.05 17.16
N SER A 333 33.15 -25.38 16.90
CA SER A 333 33.49 -26.73 16.56
C SER A 333 33.19 -27.71 17.69
CU CU B . -4.54 4.56 -14.98
CU CU C . -10.78 -3.13 -7.25
N NO2 D . -12.38 -2.90 -8.92
O1 NO2 D . -11.54 -3.44 -9.64
O2 NO2 D . -12.52 -2.55 -7.74
S SO4 E . 9.41 -13.33 -28.80
O1 SO4 E . 8.14 -13.90 -28.25
O2 SO4 E . 10.57 -14.18 -28.37
O3 SO4 E . 9.60 -11.93 -28.25
O4 SO4 E . 9.34 -13.28 -30.29
C1 MLI F . 16.10 -7.71 1.15
C2 MLI F . 17.06 -6.86 0.29
C3 MLI F . 16.83 -8.88 1.78
O6 MLI F . 18.15 -6.68 0.86
O7 MLI F . 16.58 -6.18 -0.65
O8 MLI F . 17.09 -8.90 3.01
O9 MLI F . 17.25 -9.73 0.97
S SO4 G . -16.80 3.64 17.41
O1 SO4 G . -17.00 2.15 17.42
O2 SO4 G . -17.13 4.19 18.77
O3 SO4 G . -17.74 4.25 16.41
O4 SO4 G . -15.39 3.95 17.05
#